data_7KJN
#
_entry.id   7KJN
#
_cell.length_a   48.849
_cell.length_b   48.849
_cell.length_c   90.116
_cell.angle_alpha   90.00
_cell.angle_beta   90.00
_cell.angle_gamma   120.00
#
_symmetry.space_group_name_H-M   'P 31 2 1'
#
loop_
_entity.id
_entity.type
_entity.pdbx_description
1 polymer 'Protein Mdm4'
2 polymer D-PMI-omega
#
loop_
_entity_poly.entity_id
_entity_poly.type
_entity_poly.pdbx_seq_one_letter_code
_entity_poly.pdbx_strand_id
1 'polypeptide(L)'
;INQVRPKLPLLKILHAAGAQGEMFTVKEVMHYLGQYIMVKQLYDAAAQHMVYCGGDLLGELLGRQSFSVKDPSPLYDMLR
KNLVT
;
A
2 'polypeptide(D)' (DGL)(DPN)(DTR)(DTY)(DVA)(DGL)(D0C)(DGL)(DLY)(DLE)(DLE)(DAR) B,C
#
# COMPACT_ATOMS: atom_id res chain seq x y z
N ILE A 1 -10.39 -17.93 -4.43
CA ILE A 1 -9.56 -16.71 -4.21
C ILE A 1 -8.12 -17.17 -4.00
N ASN A 2 -7.17 -16.40 -4.50
CA ASN A 2 -5.76 -16.80 -4.44
C ASN A 2 -5.09 -16.15 -3.25
N GLN A 3 -4.30 -16.92 -2.52
CA GLN A 3 -3.45 -16.46 -1.41
C GLN A 3 -2.17 -15.93 -2.02
N VAL A 4 -1.60 -14.90 -1.41
CA VAL A 4 -0.38 -14.23 -1.93
C VAL A 4 0.56 -13.98 -0.78
N ARG A 5 1.85 -13.95 -1.06
CA ARG A 5 2.87 -13.65 -0.04
C ARG A 5 3.49 -12.33 -0.47
N PRO A 6 3.36 -11.26 0.30
CA PRO A 6 3.93 -9.98 -0.08
C PRO A 6 5.43 -10.08 0.09
N LYS A 7 6.16 -9.42 -0.77
CA LYS A 7 7.61 -9.35 -0.66
C LYS A 7 8.02 -8.49 0.52
N LEU A 8 9.27 -8.59 0.86
CA LEU A 8 9.71 -8.05 2.16
C LEU A 8 9.49 -6.55 2.16
N PRO A 9 9.64 -5.81 1.04
CA PRO A 9 9.42 -4.36 1.12
C PRO A 9 7.95 -4.04 1.43
N LEU A 10 7.05 -4.89 0.98
CA LEU A 10 5.60 -4.68 1.21
C LEU A 10 5.17 -5.35 2.52
N LEU A 11 5.80 -6.44 2.91
CA LEU A 11 5.50 -7.08 4.22
C LEU A 11 5.87 -6.09 5.32
N LYS A 12 6.84 -5.22 5.07
CA LYS A 12 7.32 -4.23 6.05
C LYS A 12 6.18 -3.23 6.29
N ILE A 13 5.60 -2.71 5.22
CA ILE A 13 4.43 -1.78 5.26
C ILE A 13 3.26 -2.51 5.89
N LEU A 14 2.99 -3.72 5.46
CA LEU A 14 1.82 -4.46 5.91
C LEU A 14 1.88 -4.65 7.41
N HIS A 15 3.03 -5.08 7.95
CA HIS A 15 3.11 -5.36 9.41
C HIS A 15 2.99 -4.05 10.17
N ALA A 16 3.50 -2.96 9.62
CA ALA A 16 3.49 -1.62 10.25
C ALA A 16 2.08 -1.12 10.42
N ALA A 17 1.22 -1.42 9.47
CA ALA A 17 -0.21 -1.05 9.47
C ALA A 17 -1.03 -1.92 10.42
N GLY A 18 -0.49 -3.02 10.93
CA GLY A 18 -1.14 -3.82 11.99
C GLY A 18 -1.26 -5.29 11.64
N ALA A 19 -0.71 -5.71 10.50
CA ALA A 19 -0.86 -7.11 10.10
C ALA A 19 0.28 -7.93 10.70
N GLN A 20 0.12 -9.25 10.65
CA GLN A 20 1.20 -10.24 10.89
C GLN A 20 0.75 -11.58 10.33
N GLY A 21 1.48 -11.97 9.31
CA GLY A 21 1.24 -13.19 8.55
C GLY A 21 2.24 -13.20 7.44
N GLU A 22 2.18 -14.17 6.56
CA GLU A 22 2.91 -13.96 5.28
C GLU A 22 2.04 -14.39 4.11
N MET A 23 0.84 -14.87 4.40
CA MET A 23 -0.13 -15.32 3.40
C MET A 23 -1.35 -14.43 3.57
N PHE A 24 -1.70 -13.70 2.53
CA PHE A 24 -2.83 -12.76 2.57
C PHE A 24 -3.71 -12.99 1.33
N THR A 25 -4.82 -12.25 1.28
CA THR A 25 -5.62 -12.04 0.06
C THR A 25 -5.34 -10.64 -0.46
N VAL A 26 -5.53 -10.40 -1.75
CA VAL A 26 -5.41 -9.01 -2.30
C VAL A 26 -6.36 -8.06 -1.56
N LYS A 27 -7.57 -8.45 -1.25
CA LYS A 27 -8.47 -7.59 -0.48
C LYS A 27 -7.78 -7.17 0.82
N GLU A 28 -7.19 -8.10 1.56
CA GLU A 28 -6.53 -7.76 2.84
C GLU A 28 -5.42 -6.75 2.60
N VAL A 29 -4.59 -7.00 1.60
CA VAL A 29 -3.40 -6.13 1.35
C VAL A 29 -3.90 -4.71 1.10
N MET A 30 -4.94 -4.62 0.30
CA MET A 30 -5.60 -3.35 -0.01
C MET A 30 -6.07 -2.69 1.28
N HIS A 31 -6.70 -3.43 2.17
CA HIS A 31 -7.20 -2.89 3.47
C HIS A 31 -6.03 -2.34 4.27
N TYR A 32 -4.97 -3.11 4.41
CA TYR A 32 -3.81 -2.71 5.22
C TYR A 32 -3.11 -1.56 4.56
N LEU A 33 -3.19 -1.48 3.24
CA LEU A 33 -2.46 -0.38 2.56
C LEU A 33 -3.13 0.95 2.88
N GLY A 34 -4.44 0.98 3.08
CA GLY A 34 -5.14 2.20 3.47
C GLY A 34 -4.91 2.51 4.94
N GLN A 35 -4.76 1.46 5.72
CA GLN A 35 -4.57 1.57 7.17
C GLN A 35 -3.23 2.25 7.39
N TYR A 36 -2.26 1.90 6.55
CA TYR A 36 -0.89 2.46 6.59
C TYR A 36 -0.96 3.94 6.21
N ILE A 37 -1.77 4.28 5.24
CA ILE A 37 -1.88 5.69 4.78
C ILE A 37 -2.39 6.55 5.94
N MET A 38 -3.39 6.04 6.65
CA MET A 38 -3.99 6.71 7.83
C MET A 38 -2.95 6.91 8.92
N VAL A 39 -2.36 5.80 9.39
CA VAL A 39 -1.40 5.81 10.51
C VAL A 39 -0.17 6.66 10.17
N LYS A 40 0.31 6.75 8.94
CA LYS A 40 1.44 7.67 8.65
C LYS A 40 0.92 9.04 8.24
N GLN A 41 -0.41 9.20 8.16
CA GLN A 41 -1.04 10.48 7.79
C GLN A 41 -0.40 10.99 6.50
N LEU A 42 -0.49 10.20 5.43
CA LEU A 42 0.19 10.49 4.15
C LEU A 42 -0.71 11.29 3.22
N TYR A 43 -1.87 11.68 3.69
CA TYR A 43 -2.87 12.32 2.81
C TYR A 43 -2.87 13.81 3.11
N ASP A 44 -3.30 14.60 2.13
CA ASP A 44 -3.60 16.05 2.27
C ASP A 44 -4.83 16.13 3.17
N ALA A 45 -4.86 16.92 4.24
CA ALA A 45 -6.05 16.96 5.12
C ALA A 45 -7.07 17.99 4.59
N ALA A 46 -6.71 18.69 3.52
CA ALA A 46 -7.52 19.70 2.79
C ALA A 46 -7.82 19.14 1.40
N ALA A 47 -7.64 17.83 1.22
CA ALA A 47 -7.91 17.04 0.01
C ALA A 47 -7.66 15.56 0.36
N GLN A 48 -8.40 14.97 1.30
CA GLN A 48 -8.17 13.58 1.81
C GLN A 48 -8.53 12.51 0.77
N HIS A 49 -7.79 12.47 -0.34
CA HIS A 49 -8.05 11.62 -1.55
C HIS A 49 -6.80 11.73 -2.39
N MET A 50 -5.93 12.65 -2.01
CA MET A 50 -4.58 12.87 -2.56
C MET A 50 -3.59 12.36 -1.51
N VAL A 51 -3.00 11.20 -1.75
CA VAL A 51 -2.01 10.59 -0.83
C VAL A 51 -0.64 11.12 -1.20
N TYR A 52 0.08 11.68 -0.25
CA TYR A 52 1.43 12.23 -0.52
C TYR A 52 2.45 11.19 -0.06
N CYS A 53 2.91 10.35 -0.97
CA CYS A 53 3.81 9.22 -0.67
C CYS A 53 5.14 9.45 -1.37
N GLY A 54 6.02 10.23 -0.80
CA GLY A 54 7.21 10.69 -1.53
C GLY A 54 8.46 10.53 -0.71
N GLY A 55 8.33 10.86 0.58
CA GLY A 55 9.39 10.74 1.59
C GLY A 55 9.16 9.52 2.44
N ASP A 56 8.55 8.51 1.81
CA ASP A 56 8.00 7.29 2.42
C ASP A 56 8.30 6.14 1.48
N LEU A 57 8.41 4.93 2.01
CA LEU A 57 8.83 3.75 1.22
C LEU A 57 7.70 3.37 0.26
N LEU A 58 6.46 3.75 0.57
CA LEU A 58 5.32 3.49 -0.34
C LEU A 58 5.53 4.29 -1.63
N GLY A 59 6.11 5.49 -1.56
CA GLY A 59 6.44 6.24 -2.78
C GLY A 59 7.56 5.59 -3.59
N GLU A 60 8.61 5.08 -2.94
CA GLU A 60 9.73 4.38 -3.63
C GLU A 60 9.15 3.13 -4.30
N LEU A 61 8.29 2.42 -3.59
CA LEU A 61 7.65 1.20 -4.13
C LEU A 61 6.77 1.53 -5.35
N LEU A 62 6.00 2.60 -5.24
CA LEU A 62 5.07 3.04 -6.30
C LEU A 62 5.76 3.87 -7.38
N GLY A 63 6.78 4.65 -7.05
CA GLY A 63 7.47 5.52 -8.02
C GLY A 63 6.65 6.74 -8.30
N ARG A 64 5.88 7.15 -7.30
CA ARG A 64 4.90 8.25 -7.36
C ARG A 64 5.23 9.23 -6.25
N GLN A 65 5.16 10.51 -6.53
CA GLN A 65 5.41 11.53 -5.51
C GLN A 65 4.16 11.68 -4.67
N SER A 66 3.02 11.38 -5.30
CA SER A 66 1.66 11.58 -4.77
C SER A 66 0.67 10.94 -5.74
N PHE A 67 -0.52 10.59 -5.26
CA PHE A 67 -1.56 10.00 -6.12
C PHE A 67 -2.89 10.15 -5.40
N SER A 68 -3.99 10.03 -6.16
CA SER A 68 -5.36 10.09 -5.59
C SER A 68 -5.95 8.69 -5.52
N VAL A 69 -6.87 8.48 -4.58
CA VAL A 69 -7.54 7.17 -4.42
C VAL A 69 -8.70 7.08 -5.43
N LYS A 70 -8.98 8.12 -6.21
CA LYS A 70 -9.92 8.08 -7.36
C LYS A 70 -9.41 7.08 -8.39
N ASP A 71 -8.11 6.89 -8.46
CA ASP A 71 -7.49 5.97 -9.43
C ASP A 71 -6.39 5.23 -8.71
N PRO A 72 -6.70 4.11 -8.08
CA PRO A 72 -5.69 3.29 -7.44
C PRO A 72 -5.14 2.19 -8.39
N SER A 73 -4.87 2.51 -9.66
CA SER A 73 -4.23 1.54 -10.59
C SER A 73 -2.73 1.51 -10.29
N PRO A 74 -2.11 2.59 -9.79
CA PRO A 74 -0.74 2.48 -9.35
C PRO A 74 -0.60 1.40 -8.29
N LEU A 75 -1.48 1.37 -7.30
CA LEU A 75 -1.41 0.36 -6.23
C LEU A 75 -1.40 -1.02 -6.86
N TYR A 76 -2.35 -1.27 -7.77
CA TYR A 76 -2.52 -2.57 -8.46
C TYR A 76 -1.27 -2.90 -9.26
N ASP A 77 -0.65 -1.93 -9.89
CA ASP A 77 0.57 -2.18 -10.69
C ASP A 77 1.65 -2.70 -9.76
N MET A 78 1.78 -2.06 -8.61
CA MET A 78 2.82 -2.33 -7.58
C MET A 78 2.56 -3.64 -6.84
N LEU A 79 1.32 -4.09 -6.77
CA LEU A 79 1.01 -5.35 -6.09
C LEU A 79 1.39 -6.46 -7.03
N ARG A 80 1.25 -6.25 -8.34
CA ARG A 80 1.67 -7.25 -9.34
C ARG A 80 3.17 -7.53 -9.19
N LYS A 81 3.97 -6.52 -8.82
CA LYS A 81 5.43 -6.65 -8.73
C LYS A 81 5.84 -6.95 -7.31
N ASN A 82 4.92 -7.05 -6.35
CA ASN A 82 5.36 -7.27 -4.94
C ASN A 82 4.50 -8.31 -4.24
N LEU A 83 3.85 -9.21 -4.95
CA LEU A 83 3.07 -10.30 -4.31
C LEU A 83 3.43 -11.56 -5.05
N VAL A 84 3.55 -12.69 -4.37
CA VAL A 84 3.93 -13.92 -5.12
C VAL A 84 2.76 -14.89 -5.08
N THR A 85 2.21 -15.20 -6.26
CA THR A 85 1.03 -16.05 -6.49
C THR A 85 1.51 -17.48 -6.36
#